data_6R2X
#
_entry.id   6R2X
#
_entity_poly.entity_id   1
_entity_poly.type   'polypeptide(L)'
_entity_poly.pdbx_seq_one_letter_code
;FETLRGDERILSILRHQNLLKELQD
;
_entity_poly.pdbx_strand_id   A
#
# COMPACT_ATOMS: atom_id res chain seq x y z
N PHE A 1 19.70 -0.65 -4.78
CA PHE A 1 19.15 -2.00 -5.01
C PHE A 1 17.83 -2.17 -4.28
N GLU A 2 16.79 -2.53 -5.02
CA GLU A 2 15.49 -2.82 -4.43
C GLU A 2 15.39 -4.30 -4.08
N THR A 3 14.95 -4.57 -2.87
CA THR A 3 14.79 -5.94 -2.41
C THR A 3 13.46 -6.51 -2.91
N LEU A 4 13.54 -7.29 -3.99
CA LEU A 4 12.35 -7.84 -4.62
C LEU A 4 11.77 -8.97 -3.78
N ARG A 5 10.91 -8.61 -2.85
CA ARG A 5 10.29 -9.56 -1.94
C ARG A 5 8.87 -9.86 -2.37
N GLY A 6 8.30 -8.97 -3.18
CA GLY A 6 6.92 -9.10 -3.58
C GLY A 6 5.99 -8.35 -2.64
N ASP A 7 6.35 -8.30 -1.36
CA ASP A 7 5.54 -7.66 -0.34
C ASP A 7 5.36 -6.17 -0.60
N GLU A 8 6.22 -5.59 -1.44
CA GLU A 8 6.13 -4.17 -1.77
C GLU A 8 4.77 -3.88 -2.43
N ARG A 9 4.25 -4.87 -3.14
CA ARG A 9 2.94 -4.76 -3.77
C ARG A 9 1.85 -4.65 -2.73
N ILE A 10 1.97 -5.44 -1.68
CA ILE A 10 1.02 -5.42 -0.58
C ILE A 10 1.12 -4.09 0.16
N LEU A 11 2.35 -3.60 0.30
CA LEU A 11 2.60 -2.32 0.94
C LEU A 11 1.86 -1.21 0.20
N SER A 12 1.99 -1.18 -1.12
CA SER A 12 1.36 -0.14 -1.92
C SER A 12 -0.15 -0.29 -1.91
N ILE A 13 -0.63 -1.53 -1.86
CA ILE A 13 -2.06 -1.78 -1.77
C ILE A 13 -2.60 -1.30 -0.43
N LEU A 14 -1.88 -1.63 0.64
CA LEU A 14 -2.26 -1.19 1.97
C LEU A 14 -2.17 0.33 2.07
N ARG A 15 -1.19 0.91 1.39
CA ARG A 15 -1.07 2.35 1.30
C ARG A 15 -2.30 2.94 0.60
N HIS A 16 -2.81 2.23 -0.40
CA HIS A 16 -4.01 2.64 -1.10
C HIS A 16 -5.23 2.49 -0.19
N GLN A 17 -5.24 1.43 0.60
CA GLN A 17 -6.30 1.22 1.58
C GLN A 17 -6.30 2.35 2.61
N ASN A 18 -5.11 2.84 2.92
CA ASN A 18 -4.93 3.93 3.86
C ASN A 18 -5.52 5.23 3.30
N LEU A 19 -5.42 5.40 1.99
CA LEU A 19 -5.98 6.56 1.32
C LEU A 19 -7.50 6.46 1.19
N LEU A 20 -7.97 5.23 1.00
CA LEU A 20 -9.40 4.97 0.88
C LEU A 20 -10.09 5.12 2.23
N LYS A 21 -9.39 4.74 3.29
CA LYS A 21 -9.92 4.84 4.64
C LYS A 21 -9.88 6.29 5.10
N GLU A 22 -10.96 7.00 4.85
CA GLU A 22 -11.07 8.39 5.27
C GLU A 22 -12.01 8.49 6.47
N LEU A 23 -12.17 7.38 7.16
CA LEU A 23 -13.06 7.29 8.30
C LEU A 23 -12.33 6.65 9.48
N GLN A 24 -12.68 7.09 10.66
CA GLN A 24 -12.01 6.64 11.88
C GLN A 24 -12.64 5.37 12.41
N ASP A 25 -12.02 4.80 13.44
CA ASP A 25 -12.50 3.57 14.03
C ASP A 25 -13.20 3.86 15.34
N PHE A 1 18.44 -8.78 -12.79
CA PHE A 1 17.44 -7.76 -12.41
C PHE A 1 17.20 -7.81 -10.91
N GLU A 2 16.66 -8.93 -10.43
CA GLU A 2 16.48 -9.18 -8.99
C GLU A 2 15.72 -8.05 -8.30
N THR A 3 14.40 -8.08 -8.41
CA THR A 3 13.56 -7.07 -7.81
C THR A 3 12.39 -7.70 -7.07
N LEU A 4 12.59 -8.00 -5.79
CA LEU A 4 11.55 -8.59 -4.98
C LEU A 4 10.57 -7.51 -4.52
N ARG A 5 9.59 -7.23 -5.36
CA ARG A 5 8.60 -6.22 -5.08
C ARG A 5 7.31 -6.84 -4.54
N GLY A 6 7.39 -8.11 -4.19
CA GLY A 6 6.23 -8.81 -3.65
C GLY A 6 5.64 -8.13 -2.44
N ASP A 7 6.47 -7.82 -1.46
CA ASP A 7 6.02 -7.15 -0.26
C ASP A 7 5.62 -5.71 -0.57
N GLU A 8 6.29 -5.15 -1.56
CA GLU A 8 6.02 -3.78 -1.99
C GLU A 8 4.61 -3.65 -2.53
N ARG A 9 4.15 -4.69 -3.23
CA ARG A 9 2.79 -4.72 -3.75
C ARG A 9 1.78 -4.67 -2.63
N ILE A 10 2.01 -5.48 -1.62
CA ILE A 10 1.13 -5.52 -0.45
C ILE A 10 1.20 -4.20 0.29
N LEU A 11 2.38 -3.61 0.30
CA LEU A 11 2.61 -2.33 0.97
C LEU A 11 1.87 -1.21 0.25
N SER A 12 1.99 -1.17 -1.08
CA SER A 12 1.37 -0.12 -1.86
C SER A 12 -0.15 -0.26 -1.86
N ILE A 13 -0.63 -1.49 -1.96
CA ILE A 13 -2.05 -1.75 -1.89
C ILE A 13 -2.59 -1.32 -0.53
N LEU A 14 -1.84 -1.64 0.52
CA LEU A 14 -2.22 -1.26 1.86
C LEU A 14 -2.13 0.27 2.02
N ARG A 15 -1.21 0.87 1.29
CA ARG A 15 -1.08 2.32 1.26
C ARG A 15 -2.32 2.92 0.61
N HIS A 16 -2.83 2.25 -0.42
CA HIS A 16 -4.04 2.68 -1.09
C HIS A 16 -5.25 2.52 -0.17
N GLN A 17 -5.22 1.48 0.66
CA GLN A 17 -6.29 1.26 1.64
C GLN A 17 -6.25 2.33 2.72
N ASN A 18 -5.03 2.78 3.04
CA ASN A 18 -4.85 3.84 4.03
C ASN A 18 -5.44 5.15 3.54
N LEU A 19 -5.28 5.40 2.25
CA LEU A 19 -5.83 6.61 1.63
C LEU A 19 -7.32 6.48 1.40
N LEU A 20 -7.76 5.27 1.08
CA LEU A 20 -9.17 4.99 0.84
C LEU A 20 -9.96 5.03 2.15
N LYS A 21 -9.26 4.79 3.25
CA LYS A 21 -9.85 4.85 4.58
C LYS A 21 -10.47 6.22 4.84
N GLU A 22 -11.80 6.28 4.84
CA GLU A 22 -12.53 7.53 5.00
C GLU A 22 -12.12 8.54 3.93
N LEU A 23 -12.11 8.08 2.69
CA LEU A 23 -11.77 8.94 1.56
C LEU A 23 -12.97 9.79 1.18
N GLN A 24 -13.14 10.89 1.90
CA GLN A 24 -14.29 11.75 1.69
C GLN A 24 -13.86 13.00 0.93
N ASP A 25 -14.55 13.28 -0.16
CA ASP A 25 -14.22 14.43 -0.99
C ASP A 25 -15.28 15.51 -0.86
N PHE A 1 21.81 -8.44 -3.55
CA PHE A 1 20.69 -7.94 -2.71
C PHE A 1 19.36 -8.32 -3.33
N GLU A 2 19.08 -7.78 -4.52
CA GLU A 2 17.84 -8.02 -5.24
C GLU A 2 16.66 -7.39 -4.51
N THR A 3 16.06 -6.39 -5.13
CA THR A 3 14.92 -5.70 -4.56
C THR A 3 13.69 -6.60 -4.52
N LEU A 4 13.23 -6.91 -3.32
CA LEU A 4 12.07 -7.76 -3.16
C LEU A 4 10.81 -6.92 -3.24
N ARG A 5 10.42 -6.57 -4.46
CA ARG A 5 9.29 -5.68 -4.68
C ARG A 5 7.97 -6.42 -4.65
N GLY A 6 8.02 -7.72 -4.38
CA GLY A 6 6.81 -8.50 -4.21
C GLY A 6 5.98 -7.98 -3.05
N ASP A 7 6.62 -7.79 -1.91
CA ASP A 7 5.94 -7.29 -0.72
C ASP A 7 5.60 -5.81 -0.87
N GLU A 8 6.26 -5.15 -1.82
CA GLU A 8 5.98 -3.76 -2.12
C GLU A 8 4.53 -3.62 -2.61
N ARG A 9 4.06 -4.63 -3.32
CA ARG A 9 2.67 -4.65 -3.80
C ARG A 9 1.71 -4.70 -2.63
N ILE A 10 2.08 -5.45 -1.61
CA ILE A 10 1.27 -5.52 -0.39
C ILE A 10 1.29 -4.17 0.32
N LEU A 11 2.46 -3.56 0.33
CA LEU A 11 2.66 -2.26 0.96
C LEU A 11 1.87 -1.18 0.24
N SER A 12 1.95 -1.19 -1.10
CA SER A 12 1.30 -0.15 -1.90
C SER A 12 -0.21 -0.28 -1.86
N ILE A 13 -0.71 -1.52 -1.92
CA ILE A 13 -2.15 -1.74 -1.83
C ILE A 13 -2.64 -1.34 -0.45
N LEU A 14 -1.88 -1.71 0.57
CA LEU A 14 -2.18 -1.32 1.93
C LEU A 14 -2.16 0.20 2.04
N ARG A 15 -1.18 0.81 1.39
CA ARG A 15 -1.06 2.26 1.34
C ARG A 15 -2.27 2.88 0.66
N HIS A 16 -2.76 2.24 -0.39
CA HIS A 16 -3.92 2.73 -1.12
C HIS A 16 -5.19 2.58 -0.28
N GLN A 17 -5.24 1.52 0.52
CA GLN A 17 -6.37 1.31 1.42
C GLN A 17 -6.34 2.33 2.55
N ASN A 18 -5.14 2.72 2.96
CA ASN A 18 -4.96 3.76 3.96
C ASN A 18 -5.51 5.09 3.45
N LEU A 19 -5.22 5.38 2.19
CA LEU A 19 -5.64 6.63 1.57
C LEU A 19 -7.12 6.60 1.20
N LEU A 20 -7.70 5.40 1.20
CA LEU A 20 -9.12 5.24 0.89
C LEU A 20 -9.91 5.11 2.19
N LYS A 21 -9.20 5.14 3.31
CA LYS A 21 -9.82 4.94 4.60
C LYS A 21 -9.69 6.20 5.44
N GLU A 22 -10.66 6.41 6.33
CA GLU A 22 -10.67 7.57 7.22
C GLU A 22 -10.64 8.87 6.42
N LEU A 23 -11.54 8.97 5.45
CA LEU A 23 -11.62 10.14 4.58
C LEU A 23 -12.41 11.24 5.27
N GLN A 24 -11.96 11.62 6.46
CA GLN A 24 -12.62 12.66 7.24
C GLN A 24 -11.98 14.00 6.93
N ASP A 25 -12.15 14.46 5.70
CA ASP A 25 -11.52 15.70 5.26
C ASP A 25 -12.57 16.77 5.02
N PHE A 1 20.62 -9.39 -7.97
CA PHE A 1 19.65 -8.34 -8.36
C PHE A 1 18.23 -8.90 -8.43
N GLU A 2 18.05 -10.13 -7.94
CA GLU A 2 16.72 -10.73 -7.92
C GLU A 2 15.94 -10.18 -6.72
N THR A 3 15.66 -8.89 -6.77
CA THR A 3 14.96 -8.22 -5.70
C THR A 3 13.53 -8.69 -5.58
N LEU A 4 13.21 -9.31 -4.46
CA LEU A 4 11.87 -9.81 -4.21
C LEU A 4 11.00 -8.67 -3.74
N ARG A 5 10.28 -8.06 -4.66
CA ARG A 5 9.40 -6.94 -4.35
C ARG A 5 7.95 -7.39 -4.38
N GLY A 6 7.70 -8.57 -3.85
CA GLY A 6 6.35 -9.09 -3.79
C GLY A 6 5.54 -8.40 -2.72
N ASP A 7 6.11 -8.28 -1.53
CA ASP A 7 5.44 -7.64 -0.42
C ASP A 7 5.30 -6.14 -0.66
N GLU A 8 6.12 -5.64 -1.58
CA GLU A 8 6.06 -4.24 -1.99
C GLU A 8 4.68 -3.91 -2.55
N ARG A 9 4.06 -4.88 -3.21
CA ARG A 9 2.72 -4.70 -3.75
C ARG A 9 1.70 -4.62 -2.61
N ILE A 10 1.90 -5.43 -1.59
CA ILE A 10 1.03 -5.42 -0.43
C ILE A 10 1.22 -4.10 0.32
N LEU A 11 2.44 -3.59 0.30
CA LEU A 11 2.76 -2.31 0.92
C LEU A 11 2.01 -1.19 0.23
N SER A 12 2.05 -1.19 -1.10
CA SER A 12 1.43 -0.12 -1.88
C SER A 12 -0.09 -0.23 -1.86
N ILE A 13 -0.60 -1.46 -1.96
CA ILE A 13 -2.03 -1.67 -1.92
C ILE A 13 -2.59 -1.31 -0.54
N LEU A 14 -1.84 -1.66 0.51
CA LEU A 14 -2.22 -1.27 1.85
C LEU A 14 -2.18 0.25 1.99
N ARG A 15 -1.19 0.87 1.35
CA ARG A 15 -1.09 2.32 1.31
C ARG A 15 -2.33 2.91 0.63
N HIS A 16 -2.82 2.21 -0.38
CA HIS A 16 -4.03 2.63 -1.07
C HIS A 16 -5.24 2.48 -0.17
N GLN A 17 -5.27 1.41 0.62
CA GLN A 17 -6.37 1.18 1.55
C GLN A 17 -6.36 2.23 2.66
N ASN A 18 -5.18 2.72 2.98
CA ASN A 18 -5.04 3.81 3.93
C ASN A 18 -5.75 5.06 3.42
N LEU A 19 -5.55 5.34 2.13
CA LEU A 19 -6.17 6.49 1.50
C LEU A 19 -7.66 6.24 1.27
N LEU A 20 -7.99 5.03 0.81
CA LEU A 20 -9.39 4.64 0.58
C LEU A 20 -10.18 4.70 1.88
N LYS A 21 -9.49 4.52 3.00
CA LYS A 21 -10.11 4.59 4.31
C LYS A 21 -10.41 6.04 4.70
N GLU A 22 -9.37 6.86 4.76
CA GLU A 22 -9.50 8.21 5.29
C GLU A 22 -9.03 9.26 4.29
N LEU A 23 -9.77 9.43 3.21
CA LEU A 23 -9.52 10.52 2.27
C LEU A 23 -10.83 11.15 1.85
N GLN A 24 -11.69 11.38 2.83
CA GLN A 24 -13.00 11.95 2.58
C GLN A 24 -13.12 13.30 3.29
N ASP A 25 -13.92 14.19 2.71
CA ASP A 25 -14.15 15.50 3.30
C ASP A 25 -15.57 15.58 3.84
N PHE A 1 18.05 2.60 -8.74
CA PHE A 1 17.71 1.16 -8.84
C PHE A 1 16.84 0.76 -7.66
N GLU A 2 15.60 0.36 -7.94
CA GLU A 2 14.68 -0.04 -6.89
C GLU A 2 14.44 -1.54 -6.94
N THR A 3 14.67 -2.20 -5.81
CA THR A 3 14.45 -3.64 -5.72
C THR A 3 12.98 -3.95 -5.46
N LEU A 4 12.49 -4.99 -6.09
CA LEU A 4 11.09 -5.37 -5.99
C LEU A 4 10.95 -6.87 -5.76
N ARG A 5 10.69 -7.25 -4.52
CA ARG A 5 10.47 -8.66 -4.19
C ARG A 5 9.05 -9.09 -4.51
N GLY A 6 8.11 -8.16 -4.36
CA GLY A 6 6.70 -8.47 -4.52
C GLY A 6 5.90 -8.00 -3.33
N ASP A 7 6.51 -8.09 -2.16
CA ASP A 7 5.86 -7.68 -0.92
C ASP A 7 5.55 -6.20 -0.90
N GLU A 8 6.31 -5.43 -1.66
CA GLU A 8 6.07 -3.99 -1.78
C GLU A 8 4.68 -3.72 -2.35
N ARG A 9 4.20 -4.62 -3.19
CA ARG A 9 2.87 -4.49 -3.77
C ARG A 9 1.80 -4.60 -2.71
N ILE A 10 2.03 -5.47 -1.73
CA ILE A 10 1.12 -5.61 -0.61
C ILE A 10 1.14 -4.32 0.22
N LEU A 11 2.32 -3.72 0.32
CA LEU A 11 2.50 -2.47 1.05
C LEU A 11 1.81 -1.32 0.32
N SER A 12 1.99 -1.23 -0.99
CA SER A 12 1.43 -0.15 -1.77
C SER A 12 -0.09 -0.27 -1.85
N ILE A 13 -0.58 -1.51 -1.86
CA ILE A 13 -2.02 -1.75 -1.83
C ILE A 13 -2.57 -1.35 -0.46
N LEU A 14 -1.79 -1.62 0.58
CA LEU A 14 -2.13 -1.16 1.92
C LEU A 14 -2.14 0.36 1.96
N ARG A 15 -1.19 0.97 1.25
CA ARG A 15 -1.13 2.42 1.13
C ARG A 15 -2.37 2.94 0.42
N HIS A 16 -2.90 2.13 -0.49
CA HIS A 16 -4.14 2.46 -1.19
C HIS A 16 -5.30 2.44 -0.20
N GLN A 17 -5.22 1.57 0.80
CA GLN A 17 -6.25 1.50 1.81
C GLN A 17 -6.22 2.74 2.69
N ASN A 18 -5.04 3.34 2.81
CA ASN A 18 -4.88 4.60 3.51
C ASN A 18 -5.61 5.72 2.76
N LEU A 19 -5.43 5.75 1.46
CA LEU A 19 -6.06 6.76 0.62
C LEU A 19 -7.56 6.48 0.46
N LEU A 20 -7.90 5.20 0.47
CA LEU A 20 -9.29 4.76 0.38
C LEU A 20 -10.01 5.05 1.71
N LYS A 21 -9.25 5.33 2.75
CA LYS A 21 -9.81 5.66 4.04
C LYS A 21 -9.95 7.18 4.19
N GLU A 22 -10.82 7.74 3.37
CA GLU A 22 -11.09 9.17 3.41
C GLU A 22 -12.30 9.44 4.30
N LEU A 23 -12.29 10.57 4.99
CA LEU A 23 -13.37 10.95 5.91
C LEU A 23 -13.42 10.00 7.10
N GLN A 24 -12.69 10.38 8.15
CA GLN A 24 -12.59 9.61 9.39
C GLN A 24 -11.73 8.36 9.22
N ASP A 25 -11.24 7.85 10.34
CA ASP A 25 -10.40 6.66 10.32
C ASP A 25 -11.23 5.46 10.77
N PHE A 1 16.45 0.85 -10.09
CA PHE A 1 16.29 -0.20 -9.07
C PHE A 1 14.84 -0.65 -9.01
N GLU A 2 14.61 -1.95 -9.23
CA GLU A 2 13.28 -2.52 -9.13
C GLU A 2 13.36 -3.95 -8.61
N THR A 3 12.86 -4.17 -7.40
CA THR A 3 12.91 -5.47 -6.77
C THR A 3 11.50 -5.97 -6.42
N LEU A 4 11.02 -6.96 -7.17
CA LEU A 4 9.71 -7.52 -6.91
C LEU A 4 9.82 -8.68 -5.92
N ARG A 5 9.75 -8.34 -4.65
CA ARG A 5 9.82 -9.31 -3.58
C ARG A 5 8.42 -9.72 -3.14
N GLY A 6 7.44 -8.94 -3.57
CA GLY A 6 6.05 -9.23 -3.24
C GLY A 6 5.50 -8.28 -2.21
N ASP A 7 6.32 -7.94 -1.22
CA ASP A 7 5.86 -7.14 -0.09
C ASP A 7 5.52 -5.71 -0.50
N GLU A 8 6.24 -5.16 -1.48
CA GLU A 8 5.97 -3.79 -1.92
C GLU A 8 4.59 -3.69 -2.55
N ARG A 9 4.14 -4.76 -3.19
CA ARG A 9 2.81 -4.81 -3.77
C ARG A 9 1.76 -4.73 -2.67
N ILE A 10 1.99 -5.47 -1.60
CA ILE A 10 1.11 -5.43 -0.45
C ILE A 10 1.21 -4.07 0.24
N LEU A 11 2.43 -3.57 0.36
CA LEU A 11 2.69 -2.28 0.99
C LEU A 11 1.95 -1.17 0.25
N SER A 12 2.04 -1.16 -1.07
CA SER A 12 1.43 -0.11 -1.87
C SER A 12 -0.08 -0.24 -1.89
N ILE A 13 -0.58 -1.47 -1.96
CA ILE A 13 -2.02 -1.69 -1.95
C ILE A 13 -2.60 -1.36 -0.58
N LEU A 14 -1.89 -1.72 0.47
CA LEU A 14 -2.28 -1.34 1.83
C LEU A 14 -2.21 0.19 1.95
N ARG A 15 -1.22 0.78 1.29
CA ARG A 15 -1.10 2.23 1.24
C ARG A 15 -2.33 2.84 0.58
N HIS A 16 -2.87 2.15 -0.41
CA HIS A 16 -4.09 2.59 -1.09
C HIS A 16 -5.27 2.56 -0.14
N GLN A 17 -5.28 1.60 0.77
CA GLN A 17 -6.33 1.49 1.77
C GLN A 17 -6.16 2.56 2.84
N ASN A 18 -4.91 2.88 3.14
CA ASN A 18 -4.61 3.95 4.09
C ASN A 18 -5.06 5.30 3.52
N LEU A 19 -4.91 5.46 2.22
CA LEU A 19 -5.33 6.68 1.54
C LEU A 19 -6.82 6.64 1.25
N LEU A 20 -7.46 5.54 1.64
CA LEU A 20 -8.88 5.36 1.46
C LEU A 20 -9.54 5.17 2.83
N LYS A 21 -8.94 5.77 3.85
CA LYS A 21 -9.46 5.67 5.21
C LYS A 21 -10.62 6.65 5.43
N GLU A 22 -11.59 6.58 4.54
CA GLU A 22 -12.76 7.45 4.59
C GLU A 22 -13.51 7.24 5.91
N LEU A 23 -13.49 8.26 6.75
CA LEU A 23 -14.19 8.19 8.03
C LEU A 23 -15.38 9.15 8.03
N GLN A 24 -16.55 8.61 7.74
CA GLN A 24 -17.77 9.40 7.73
C GLN A 24 -18.28 9.60 9.15
N ASP A 25 -17.51 10.32 9.95
CA ASP A 25 -17.84 10.54 11.36
C ASP A 25 -18.66 11.81 11.52
N PHE A 1 20.63 -7.14 -2.63
CA PHE A 1 19.49 -6.20 -2.56
C PHE A 1 18.21 -6.88 -3.05
N GLU A 2 18.18 -7.22 -4.34
CA GLU A 2 17.02 -7.87 -4.97
C GLU A 2 15.83 -6.93 -5.03
N THR A 3 15.38 -6.62 -6.24
CA THR A 3 14.24 -5.74 -6.43
C THR A 3 12.93 -6.51 -6.20
N LEU A 4 12.72 -6.95 -4.98
CA LEU A 4 11.55 -7.73 -4.64
C LEU A 4 10.33 -6.84 -4.50
N ARG A 5 9.41 -6.95 -5.45
CA ARG A 5 8.22 -6.12 -5.45
C ARG A 5 7.00 -6.89 -4.95
N GLY A 6 7.19 -8.16 -4.64
CA GLY A 6 6.10 -8.99 -4.13
C GLY A 6 5.50 -8.41 -2.86
N ASP A 7 6.36 -8.16 -1.88
CA ASP A 7 5.92 -7.56 -0.62
C ASP A 7 5.59 -6.09 -0.81
N GLU A 8 6.24 -5.48 -1.80
CA GLU A 8 6.02 -4.09 -2.12
C GLU A 8 4.59 -3.85 -2.60
N ARG A 9 4.05 -4.83 -3.32
CA ARG A 9 2.66 -4.77 -3.77
C ARG A 9 1.72 -4.70 -2.58
N ILE A 10 2.03 -5.46 -1.56
CA ILE A 10 1.23 -5.46 -0.33
C ILE A 10 1.31 -4.08 0.32
N LEU A 11 2.51 -3.52 0.33
CA LEU A 11 2.76 -2.23 0.94
C LEU A 11 1.97 -1.14 0.21
N SER A 12 2.01 -1.16 -1.11
CA SER A 12 1.38 -0.12 -1.91
C SER A 12 -0.14 -0.25 -1.90
N ILE A 13 -0.63 -1.47 -1.97
CA ILE A 13 -2.07 -1.71 -1.93
C ILE A 13 -2.63 -1.33 -0.56
N LEU A 14 -1.91 -1.74 0.48
CA LEU A 14 -2.29 -1.38 1.84
C LEU A 14 -2.23 0.14 2.01
N ARG A 15 -1.25 0.78 1.35
CA ARG A 15 -1.14 2.22 1.39
C ARG A 15 -2.34 2.85 0.71
N HIS A 16 -2.79 2.23 -0.38
CA HIS A 16 -3.98 2.72 -1.09
C HIS A 16 -5.20 2.61 -0.18
N GLN A 17 -5.25 1.56 0.62
CA GLN A 17 -6.35 1.36 1.53
C GLN A 17 -6.27 2.34 2.69
N ASN A 18 -5.05 2.77 3.02
CA ASN A 18 -4.85 3.82 4.02
C ASN A 18 -5.36 5.15 3.49
N LEU A 19 -5.03 5.45 2.24
CA LEU A 19 -5.44 6.69 1.62
C LEU A 19 -6.96 6.74 1.41
N LEU A 20 -7.55 5.58 1.14
CA LEU A 20 -8.99 5.49 0.93
C LEU A 20 -9.73 5.16 2.23
N LYS A 21 -9.02 5.21 3.35
CA LYS A 21 -9.62 4.91 4.65
C LYS A 21 -10.62 6.00 5.03
N GLU A 22 -10.19 7.25 4.99
CA GLU A 22 -11.05 8.35 5.34
C GLU A 22 -11.85 8.80 4.12
N LEU A 23 -12.71 7.92 3.63
CA LEU A 23 -13.57 8.22 2.50
C LEU A 23 -15.00 8.40 2.98
N GLN A 24 -15.23 9.46 3.73
CA GLN A 24 -16.54 9.72 4.31
C GLN A 24 -17.27 10.82 3.55
N ASP A 25 -18.52 10.56 3.21
CA ASP A 25 -19.32 11.50 2.42
C ASP A 25 -19.56 12.78 3.20
N PHE A 1 19.74 -10.29 -8.93
CA PHE A 1 19.11 -9.10 -8.30
C PHE A 1 18.36 -9.48 -7.02
N GLU A 2 17.64 -10.60 -7.05
CA GLU A 2 16.95 -11.14 -5.86
C GLU A 2 16.13 -10.07 -5.15
N THR A 3 15.17 -9.50 -5.86
CA THR A 3 14.31 -8.47 -5.30
C THR A 3 12.86 -8.90 -5.32
N LEU A 4 12.41 -9.50 -4.21
CA LEU A 4 11.05 -9.97 -4.10
C LEU A 4 10.11 -8.81 -3.81
N ARG A 5 9.57 -8.23 -4.87
CA ARG A 5 8.69 -7.07 -4.73
C ARG A 5 7.23 -7.50 -4.60
N GLY A 6 7.02 -8.79 -4.40
CA GLY A 6 5.68 -9.32 -4.21
C GLY A 6 5.03 -8.74 -2.97
N ASP A 7 5.77 -8.71 -1.87
CA ASP A 7 5.27 -8.14 -0.63
C ASP A 7 5.23 -6.63 -0.71
N GLU A 8 6.02 -6.06 -1.61
CA GLU A 8 6.01 -4.62 -1.86
C GLU A 8 4.66 -4.20 -2.44
N ARG A 9 4.05 -5.09 -3.20
CA ARG A 9 2.73 -4.84 -3.78
C ARG A 9 1.71 -4.65 -2.67
N ILE A 10 1.83 -5.46 -1.64
CA ILE A 10 0.95 -5.37 -0.48
C ILE A 10 1.17 -4.04 0.23
N LEU A 11 2.42 -3.61 0.25
CA LEU A 11 2.81 -2.37 0.89
C LEU A 11 2.10 -1.18 0.24
N SER A 12 2.11 -1.13 -1.09
CA SER A 12 1.50 -0.04 -1.81
C SER A 12 -0.02 -0.16 -1.84
N ILE A 13 -0.51 -1.40 -1.88
CA ILE A 13 -1.95 -1.63 -1.87
C ILE A 13 -2.53 -1.28 -0.51
N LEU A 14 -1.81 -1.62 0.56
CA LEU A 14 -2.21 -1.22 1.91
C LEU A 14 -2.22 0.30 2.00
N ARG A 15 -1.23 0.93 1.39
CA ARG A 15 -1.15 2.38 1.33
C ARG A 15 -2.38 2.95 0.62
N HIS A 16 -2.88 2.21 -0.37
CA HIS A 16 -4.09 2.61 -1.08
C HIS A 16 -5.32 2.39 -0.22
N GLN A 17 -5.28 1.37 0.63
CA GLN A 17 -6.39 1.09 1.54
C GLN A 17 -6.47 2.19 2.60
N ASN A 18 -5.31 2.74 2.96
CA ASN A 18 -5.27 3.87 3.88
C ASN A 18 -6.02 5.06 3.30
N LEU A 19 -5.85 5.28 2.01
CA LEU A 19 -6.51 6.38 1.31
C LEU A 19 -8.00 6.08 1.11
N LEU A 20 -8.34 4.81 1.03
CA LEU A 20 -9.71 4.38 0.79
C LEU A 20 -10.51 4.36 2.09
N LYS A 21 -9.84 3.96 3.17
CA LYS A 21 -10.49 3.89 4.48
C LYS A 21 -10.88 5.28 4.96
N GLU A 22 -12.12 5.41 5.41
CA GLU A 22 -12.63 6.69 5.88
C GLU A 22 -12.34 6.87 7.35
N LEU A 23 -11.08 7.16 7.67
CA LEU A 23 -10.68 7.38 9.05
C LEU A 23 -11.15 8.76 9.51
N GLN A 24 -12.39 8.84 9.95
CA GLN A 24 -12.99 10.10 10.35
C GLN A 24 -13.31 10.10 11.83
N ASP A 25 -12.83 11.09 12.56
CA ASP A 25 -13.06 11.18 14.00
C ASP A 25 -14.09 12.26 14.29
N PHE A 1 19.88 -8.75 -9.72
CA PHE A 1 19.07 -7.86 -8.87
C PHE A 1 17.66 -8.43 -8.68
N GLU A 2 16.92 -8.56 -9.79
CA GLU A 2 15.55 -9.09 -9.76
C GLU A 2 14.60 -8.09 -9.11
N THR A 3 13.53 -7.76 -9.83
CA THR A 3 12.54 -6.84 -9.31
C THR A 3 11.49 -7.57 -8.48
N LEU A 4 11.86 -7.90 -7.25
CA LEU A 4 10.97 -8.62 -6.36
C LEU A 4 10.07 -7.65 -5.62
N ARG A 5 8.93 -7.36 -6.23
CA ARG A 5 8.00 -6.37 -5.69
C ARG A 5 6.76 -7.02 -5.11
N GLY A 6 6.83 -8.32 -4.88
CA GLY A 6 5.68 -9.05 -4.37
C GLY A 6 5.19 -8.50 -3.05
N ASP A 7 6.11 -8.30 -2.11
CA ASP A 7 5.75 -7.75 -0.81
C ASP A 7 5.50 -6.26 -0.91
N GLU A 8 6.18 -5.61 -1.85
CA GLU A 8 6.02 -4.19 -2.09
C GLU A 8 4.61 -3.88 -2.56
N ARG A 9 4.02 -4.80 -3.31
CA ARG A 9 2.65 -4.62 -3.79
C ARG A 9 1.68 -4.62 -2.63
N ILE A 10 1.93 -5.47 -1.65
CA ILE A 10 1.10 -5.51 -0.45
C ILE A 10 1.20 -4.20 0.30
N LEU A 11 2.43 -3.67 0.37
CA LEU A 11 2.68 -2.38 1.02
C LEU A 11 1.93 -1.26 0.29
N SER A 12 2.10 -1.20 -1.02
CA SER A 12 1.53 -0.12 -1.82
C SER A 12 0.00 -0.21 -1.87
N ILE A 13 -0.52 -1.43 -1.93
CA ILE A 13 -1.96 -1.64 -1.92
C ILE A 13 -2.52 -1.30 -0.53
N LEU A 14 -1.76 -1.62 0.50
CA LEU A 14 -2.14 -1.25 1.85
C LEU A 14 -2.17 0.27 1.98
N ARG A 15 -1.22 0.92 1.31
CA ARG A 15 -1.19 2.38 1.26
C ARG A 15 -2.44 2.91 0.57
N HIS A 16 -2.90 2.18 -0.44
CA HIS A 16 -4.13 2.55 -1.15
C HIS A 16 -5.34 2.40 -0.24
N GLN A 17 -5.24 1.51 0.73
CA GLN A 17 -6.31 1.31 1.69
C GLN A 17 -6.27 2.43 2.74
N ASN A 18 -5.08 2.91 3.04
CA ASN A 18 -4.92 4.02 3.97
C ASN A 18 -5.46 5.31 3.36
N LEU A 19 -5.28 5.45 2.05
CA LEU A 19 -5.82 6.59 1.31
C LEU A 19 -7.32 6.48 1.13
N LEU A 20 -7.84 5.26 1.25
CA LEU A 20 -9.27 5.01 1.13
C LEU A 20 -10.00 5.53 2.38
N LYS A 21 -9.27 5.61 3.49
CA LYS A 21 -9.81 6.15 4.72
C LYS A 21 -9.41 7.61 4.88
N GLU A 22 -9.89 8.23 5.95
CA GLU A 22 -9.59 9.63 6.25
C GLU A 22 -10.04 10.54 5.12
N LEU A 23 -11.17 10.20 4.52
CA LEU A 23 -11.74 10.97 3.43
C LEU A 23 -12.87 11.86 3.96
N GLN A 24 -12.98 11.92 5.29
CA GLN A 24 -13.97 12.75 5.97
C GLN A 24 -15.37 12.17 5.82
N ASP A 25 -16.31 12.73 6.57
CA ASP A 25 -17.69 12.23 6.57
C ASP A 25 -18.59 13.20 5.82
N PHE A 1 19.08 -0.73 -7.52
CA PHE A 1 18.06 -1.56 -8.18
C PHE A 1 16.88 -1.77 -7.25
N GLU A 2 15.71 -1.99 -7.81
CA GLU A 2 14.52 -2.22 -7.02
C GLU A 2 14.25 -3.71 -6.87
N THR A 3 14.18 -4.17 -5.63
CA THR A 3 13.97 -5.57 -5.35
C THR A 3 12.52 -5.97 -5.57
N LEU A 4 12.24 -6.57 -6.73
CA LEU A 4 10.90 -7.05 -7.03
C LEU A 4 10.62 -8.33 -6.26
N ARG A 5 10.17 -8.17 -5.04
CA ARG A 5 9.87 -9.28 -4.16
C ARG A 5 8.37 -9.54 -4.13
N GLY A 6 7.59 -8.55 -4.50
CA GLY A 6 6.15 -8.67 -4.42
C GLY A 6 5.60 -8.02 -3.16
N ASP A 7 6.45 -7.92 -2.14
CA ASP A 7 6.05 -7.33 -0.86
C ASP A 7 5.62 -5.89 -1.03
N GLU A 8 6.24 -5.19 -1.97
CA GLU A 8 5.95 -3.78 -2.22
C GLU A 8 4.52 -3.62 -2.72
N ARG A 9 3.99 -4.65 -3.36
CA ARG A 9 2.59 -4.65 -3.78
C ARG A 9 1.68 -4.66 -2.56
N ILE A 10 2.05 -5.43 -1.56
CA ILE A 10 1.30 -5.48 -0.31
C ILE A 10 1.36 -4.12 0.37
N LEU A 11 2.54 -3.51 0.34
CA LEU A 11 2.75 -2.19 0.92
C LEU A 11 1.89 -1.17 0.18
N SER A 12 2.00 -1.15 -1.15
CA SER A 12 1.33 -0.14 -1.95
C SER A 12 -0.20 -0.30 -1.91
N ILE A 13 -0.68 -1.54 -1.94
CA ILE A 13 -2.10 -1.77 -1.87
C ILE A 13 -2.66 -1.36 -0.52
N LEU A 14 -1.96 -1.75 0.54
CA LEU A 14 -2.36 -1.36 1.89
C LEU A 14 -2.25 0.15 2.05
N ARG A 15 -1.23 0.73 1.41
CA ARG A 15 -1.06 2.18 1.40
C ARG A 15 -2.23 2.84 0.70
N HIS A 16 -2.72 2.21 -0.37
CA HIS A 16 -3.87 2.72 -1.10
C HIS A 16 -5.13 2.63 -0.24
N GLN A 17 -5.23 1.55 0.52
CA GLN A 17 -6.38 1.35 1.41
C GLN A 17 -6.32 2.34 2.55
N ASN A 18 -5.12 2.73 2.94
CA ASN A 18 -4.92 3.78 3.95
C ASN A 18 -5.51 5.09 3.45
N LEU A 19 -5.24 5.40 2.18
CA LEU A 19 -5.73 6.63 1.57
C LEU A 19 -7.23 6.57 1.35
N LEU A 20 -7.76 5.36 1.21
CA LEU A 20 -9.19 5.17 1.05
C LEU A 20 -9.90 5.31 2.40
N LYS A 21 -9.17 5.01 3.46
CA LYS A 21 -9.71 5.11 4.81
C LYS A 21 -9.66 6.55 5.29
N GLU A 22 -10.58 7.36 4.80
CA GLU A 22 -10.70 8.73 5.25
C GLU A 22 -11.56 8.76 6.51
N LEU A 23 -11.11 8.03 7.52
CA LEU A 23 -11.86 7.86 8.75
C LEU A 23 -10.98 8.21 9.95
N GLN A 24 -11.12 9.43 10.43
CA GLN A 24 -10.38 9.87 11.60
C GLN A 24 -11.29 10.63 12.53
N ASP A 25 -10.96 10.66 13.81
CA ASP A 25 -11.79 11.33 14.80
C ASP A 25 -11.02 12.45 15.46
N PHE A 1 16.35 1.72 -4.09
CA PHE A 1 16.13 0.31 -3.72
C PHE A 1 14.69 -0.08 -4.02
N GLU A 2 14.40 -0.36 -5.27
CA GLU A 2 13.05 -0.73 -5.68
C GLU A 2 12.99 -2.21 -6.03
N THR A 3 12.95 -3.03 -5.00
CA THR A 3 12.95 -4.47 -5.19
C THR A 3 11.54 -5.03 -5.16
N LEU A 4 10.99 -5.31 -6.34
CA LEU A 4 9.65 -5.86 -6.43
C LEU A 4 9.68 -7.37 -6.21
N ARG A 5 9.82 -7.75 -4.96
CA ARG A 5 9.88 -9.16 -4.59
C ARG A 5 8.48 -9.67 -4.29
N GLY A 6 7.57 -8.74 -4.02
CA GLY A 6 6.20 -9.11 -3.74
C GLY A 6 5.57 -8.20 -2.70
N ASP A 7 6.22 -8.07 -1.56
CA ASP A 7 5.69 -7.31 -0.44
C ASP A 7 5.44 -5.85 -0.80
N GLU A 8 6.19 -5.35 -1.79
CA GLU A 8 6.02 -3.98 -2.25
C GLU A 8 4.59 -3.74 -2.75
N ARG A 9 3.98 -4.79 -3.29
CA ARG A 9 2.61 -4.72 -3.77
C ARG A 9 1.65 -4.64 -2.59
N ILE A 10 1.92 -5.44 -1.58
CA ILE A 10 1.13 -5.41 -0.36
C ILE A 10 1.26 -4.06 0.32
N LEU A 11 2.49 -3.53 0.32
CA LEU A 11 2.79 -2.23 0.88
C LEU A 11 1.96 -1.16 0.18
N SER A 12 2.03 -1.14 -1.15
CA SER A 12 1.38 -0.11 -1.93
C SER A 12 -0.14 -0.26 -1.90
N ILE A 13 -0.63 -1.49 -1.91
CA ILE A 13 -2.05 -1.74 -1.84
C ILE A 13 -2.60 -1.34 -0.46
N LEU A 14 -1.88 -1.71 0.59
CA LEU A 14 -2.26 -1.31 1.93
C LEU A 14 -2.19 0.21 2.06
N ARG A 15 -1.18 0.80 1.43
CA ARG A 15 -1.04 2.24 1.38
C ARG A 15 -2.26 2.88 0.71
N HIS A 16 -2.75 2.23 -0.34
CA HIS A 16 -3.92 2.72 -1.06
C HIS A 16 -5.18 2.55 -0.23
N GLN A 17 -5.27 1.42 0.47
CA GLN A 17 -6.45 1.14 1.29
C GLN A 17 -6.46 2.01 2.54
N ASN A 18 -5.29 2.42 2.99
CA ASN A 18 -5.17 3.36 4.10
C ASN A 18 -5.67 4.73 3.67
N LEU A 19 -5.34 5.11 2.45
CA LEU A 19 -5.75 6.41 1.92
C LEU A 19 -7.21 6.37 1.48
N LEU A 20 -7.68 5.19 1.08
CA LEU A 20 -9.08 5.01 0.71
C LEU A 20 -9.96 5.09 1.96
N LYS A 21 -9.50 4.44 3.02
CA LYS A 21 -10.20 4.45 4.30
C LYS A 21 -10.42 5.88 4.78
N GLU A 22 -11.64 6.18 5.19
CA GLU A 22 -11.95 7.48 5.73
C GLU A 22 -12.23 7.34 7.21
N LEU A 23 -11.65 8.23 8.01
CA LEU A 23 -11.78 8.16 9.46
C LEU A 23 -13.03 8.90 9.91
N GLN A 24 -14.15 8.21 9.90
CA GLN A 24 -15.42 8.83 10.24
C GLN A 24 -15.74 8.64 11.71
N ASP A 25 -16.40 9.63 12.31
CA ASP A 25 -16.76 9.58 13.71
C ASP A 25 -18.26 9.64 13.85
N PHE A 1 18.76 -3.19 -8.99
CA PHE A 1 19.11 -3.99 -7.78
C PHE A 1 18.00 -5.00 -7.48
N GLU A 2 18.39 -6.14 -6.94
CA GLU A 2 17.45 -7.19 -6.61
C GLU A 2 16.83 -6.93 -5.24
N THR A 3 15.51 -6.83 -5.22
CA THR A 3 14.77 -6.57 -3.99
C THR A 3 13.48 -7.36 -3.97
N LEU A 4 13.05 -7.77 -2.78
CA LEU A 4 11.82 -8.55 -2.65
C LEU A 4 10.61 -7.62 -2.68
N ARG A 5 10.20 -7.29 -3.90
CA ARG A 5 9.12 -6.33 -4.12
C ARG A 5 7.77 -7.03 -4.08
N GLY A 6 7.78 -8.33 -3.79
CA GLY A 6 6.54 -9.07 -3.66
C GLY A 6 5.67 -8.53 -2.54
N ASP A 7 6.27 -8.26 -1.40
CA ASP A 7 5.53 -7.70 -0.27
C ASP A 7 5.33 -6.20 -0.46
N GLU A 8 6.15 -5.60 -1.31
CA GLU A 8 6.01 -4.19 -1.65
C GLU A 8 4.66 -3.94 -2.32
N ARG A 9 4.21 -4.93 -3.09
CA ARG A 9 2.90 -4.87 -3.72
C ARG A 9 1.81 -4.77 -2.67
N ILE A 10 2.01 -5.46 -1.56
CA ILE A 10 1.08 -5.41 -0.44
C ILE A 10 1.15 -4.04 0.21
N LEU A 11 2.37 -3.54 0.40
CA LEU A 11 2.58 -2.23 1.00
C LEU A 11 1.87 -1.14 0.20
N SER A 12 2.02 -1.18 -1.11
CA SER A 12 1.44 -0.16 -1.97
C SER A 12 -0.09 -0.25 -1.99
N ILE A 13 -0.62 -1.45 -2.03
CA ILE A 13 -2.07 -1.65 -1.99
C ILE A 13 -2.61 -1.26 -0.62
N LEU A 14 -1.88 -1.66 0.42
CA LEU A 14 -2.24 -1.30 1.78
C LEU A 14 -2.17 0.22 1.96
N ARG A 15 -1.20 0.84 1.30
CA ARG A 15 -1.09 2.29 1.29
C ARG A 15 -2.35 2.90 0.69
N HIS A 16 -2.86 2.26 -0.34
CA HIS A 16 -4.09 2.72 -0.99
C HIS A 16 -5.28 2.52 -0.06
N GLN A 17 -5.22 1.48 0.76
CA GLN A 17 -6.27 1.22 1.73
C GLN A 17 -6.19 2.22 2.88
N ASN A 18 -4.97 2.62 3.23
CA ASN A 18 -4.75 3.60 4.28
C ASN A 18 -5.26 4.97 3.84
N LEU A 19 -5.18 5.23 2.55
CA LEU A 19 -5.71 6.48 1.98
C LEU A 19 -7.21 6.37 1.77
N LEU A 20 -7.70 5.15 1.57
CA LEU A 20 -9.12 4.92 1.35
C LEU A 20 -9.88 4.94 2.67
N LYS A 21 -9.14 5.00 3.76
CA LYS A 21 -9.73 5.08 5.09
C LYS A 21 -10.26 6.49 5.34
N GLU A 22 -11.58 6.63 5.36
CA GLU A 22 -12.21 7.94 5.51
C GLU A 22 -12.39 8.29 6.98
N LEU A 23 -11.34 8.07 7.75
CA LEU A 23 -11.33 8.37 9.17
C LEU A 23 -10.00 8.97 9.56
N GLN A 24 -9.94 10.29 9.58
CA GLN A 24 -8.72 11.00 9.93
C GLN A 24 -8.91 11.76 11.24
N ASP A 25 -7.87 12.43 11.67
CA ASP A 25 -7.91 13.22 12.88
C ASP A 25 -8.07 14.69 12.53
N PHE A 1 19.33 -4.34 -10.33
CA PHE A 1 19.47 -5.75 -9.94
C PHE A 1 18.11 -6.32 -9.54
N GLU A 2 18.09 -7.59 -9.14
CA GLU A 2 16.86 -8.24 -8.72
C GLU A 2 16.35 -7.68 -7.40
N THR A 3 15.65 -6.57 -7.48
CA THR A 3 15.01 -5.99 -6.31
C THR A 3 13.74 -6.75 -5.97
N LEU A 4 13.67 -7.29 -4.76
CA LEU A 4 12.50 -8.05 -4.34
C LEU A 4 11.36 -7.12 -3.98
N ARG A 5 10.54 -6.82 -4.96
CA ARG A 5 9.41 -5.90 -4.78
C ARG A 5 8.09 -6.63 -4.88
N GLY A 6 8.06 -7.85 -4.39
CA GLY A 6 6.83 -8.63 -4.39
C GLY A 6 5.89 -8.17 -3.29
N ASP A 7 6.38 -8.16 -2.06
CA ASP A 7 5.58 -7.72 -0.92
C ASP A 7 5.38 -6.20 -0.96
N GLU A 8 6.14 -5.54 -1.82
CA GLU A 8 5.97 -4.12 -2.06
C GLU A 8 4.56 -3.85 -2.58
N ARG A 9 3.99 -4.84 -3.27
CA ARG A 9 2.62 -4.75 -3.74
C ARG A 9 1.65 -4.69 -2.57
N ILE A 10 1.93 -5.48 -1.55
CA ILE A 10 1.13 -5.47 -0.33
C ILE A 10 1.22 -4.11 0.34
N LEU A 11 2.44 -3.57 0.37
CA LEU A 11 2.68 -2.27 0.99
C LEU A 11 1.93 -1.17 0.24
N SER A 12 2.05 -1.15 -1.08
CA SER A 12 1.47 -0.10 -1.89
C SER A 12 -0.05 -0.20 -1.93
N ILE A 13 -0.58 -1.42 -2.01
CA ILE A 13 -2.02 -1.61 -1.98
C ILE A 13 -2.57 -1.25 -0.61
N LEU A 14 -1.85 -1.66 0.44
CA LEU A 14 -2.24 -1.29 1.80
C LEU A 14 -2.17 0.21 1.97
N ARG A 15 -1.21 0.85 1.32
CA ARG A 15 -1.11 2.30 1.32
C ARG A 15 -2.36 2.90 0.69
N HIS A 16 -2.82 2.27 -0.38
CA HIS A 16 -4.05 2.71 -1.05
C HIS A 16 -5.26 2.44 -0.17
N GLN A 17 -5.17 1.40 0.65
CA GLN A 17 -6.24 1.06 1.59
C GLN A 17 -6.24 2.04 2.75
N ASN A 18 -5.06 2.45 3.17
CA ASN A 18 -4.92 3.40 4.27
C ASN A 18 -5.44 4.77 3.85
N LEU A 19 -5.15 5.14 2.61
CA LEU A 19 -5.59 6.42 2.05
C LEU A 19 -7.01 6.32 1.51
N LEU A 20 -7.74 5.32 1.99
CA LEU A 20 -9.11 5.10 1.57
C LEU A 20 -9.98 4.80 2.79
N LYS A 21 -9.51 3.86 3.60
CA LYS A 21 -10.21 3.44 4.82
C LYS A 21 -10.41 4.61 5.77
N GLU A 22 -9.38 5.42 5.94
CA GLU A 22 -9.44 6.58 6.82
C GLU A 22 -8.59 7.71 6.27
N LEU A 23 -9.23 8.71 5.72
CA LEU A 23 -8.51 9.86 5.17
C LEU A 23 -9.29 11.14 5.48
N GLN A 24 -9.31 11.50 6.75
CA GLN A 24 -10.00 12.72 7.18
C GLN A 24 -9.00 13.70 7.78
N ASP A 25 -8.94 14.90 7.24
CA ASP A 25 -8.01 15.92 7.70
C ASP A 25 -8.36 16.38 9.11
N PHE A 1 17.34 1.19 -10.79
CA PHE A 1 16.15 0.41 -11.20
C PHE A 1 15.48 -0.20 -9.98
N GLU A 2 14.18 -0.38 -10.04
CA GLU A 2 13.44 -0.95 -8.94
C GLU A 2 13.23 -2.44 -9.16
N THR A 3 13.38 -3.21 -8.09
CA THR A 3 13.19 -4.64 -8.15
C THR A 3 11.74 -4.99 -7.83
N LEU A 4 11.11 -5.78 -8.68
CA LEU A 4 9.74 -6.21 -8.45
C LEU A 4 9.74 -7.42 -7.52
N ARG A 5 9.77 -7.14 -6.22
CA ARG A 5 9.88 -8.19 -5.22
C ARG A 5 8.51 -8.75 -4.83
N GLY A 6 7.46 -8.17 -5.40
CA GLY A 6 6.14 -8.72 -5.20
C GLY A 6 5.45 -8.25 -3.93
N ASP A 7 6.07 -8.52 -2.79
CA ASP A 7 5.46 -8.21 -1.50
C ASP A 7 5.33 -6.70 -1.29
N GLU A 8 6.07 -5.94 -2.09
CA GLU A 8 5.98 -4.49 -2.10
C GLU A 8 4.57 -4.05 -2.53
N ARG A 9 3.94 -4.87 -3.37
CA ARG A 9 2.58 -4.59 -3.82
C ARG A 9 1.62 -4.57 -2.65
N ILE A 10 1.83 -5.46 -1.71
CA ILE A 10 0.99 -5.53 -0.52
C ILE A 10 1.18 -4.26 0.32
N LEU A 11 2.39 -3.73 0.27
CA LEU A 11 2.73 -2.50 0.98
C LEU A 11 2.03 -1.31 0.33
N SER A 12 2.14 -1.21 -0.99
CA SER A 12 1.57 -0.09 -1.73
C SER A 12 0.05 -0.18 -1.76
N ILE A 13 -0.47 -1.40 -1.87
CA ILE A 13 -1.91 -1.61 -1.81
C ILE A 13 -2.45 -1.27 -0.43
N LEU A 14 -1.66 -1.54 0.59
CA LEU A 14 -2.00 -1.13 1.95
C LEU A 14 -2.12 0.39 2.01
N ARG A 15 -1.20 1.07 1.35
CA ARG A 15 -1.24 2.53 1.28
C ARG A 15 -2.48 2.97 0.53
N HIS A 16 -2.91 2.17 -0.43
CA HIS A 16 -4.13 2.48 -1.19
C HIS A 16 -5.36 2.30 -0.32
N GLN A 17 -5.30 1.36 0.61
CA GLN A 17 -6.42 1.12 1.52
C GLN A 17 -6.55 2.30 2.48
N ASN A 18 -5.41 2.87 2.86
CA ASN A 18 -5.39 4.08 3.66
C ASN A 18 -6.04 5.24 2.91
N LEU A 19 -5.75 5.32 1.62
CA LEU A 19 -6.29 6.38 0.78
C LEU A 19 -7.69 6.02 0.27
N LEU A 20 -8.19 4.89 0.73
CA LEU A 20 -9.55 4.46 0.41
C LEU A 20 -10.44 4.67 1.64
N LYS A 21 -9.84 5.19 2.69
CA LYS A 21 -10.54 5.41 3.94
C LYS A 21 -10.82 6.90 4.13
N GLU A 22 -12.05 7.31 3.83
CA GLU A 22 -12.43 8.71 3.96
C GLU A 22 -12.93 9.00 5.38
N LEU A 23 -12.10 8.67 6.36
CA LEU A 23 -12.45 8.91 7.75
C LEU A 23 -11.54 9.99 8.32
N GLN A 24 -11.92 11.24 8.09
CA GLN A 24 -11.15 12.38 8.55
C GLN A 24 -12.00 13.30 9.42
N ASP A 25 -12.83 12.69 10.26
CA ASP A 25 -13.72 13.44 11.14
C ASP A 25 -13.01 13.78 12.44
N PHE A 1 14.85 4.59 -2.96
CA PHE A 1 15.29 3.18 -2.97
C PHE A 1 14.43 2.37 -3.90
N GLU A 2 14.96 1.25 -4.38
CA GLU A 2 14.23 0.38 -5.30
C GLU A 2 14.42 -1.09 -4.91
N THR A 3 13.70 -1.51 -3.88
CA THR A 3 13.81 -2.87 -3.39
C THR A 3 12.52 -3.65 -3.64
N LEU A 4 12.16 -3.79 -4.91
CA LEU A 4 10.94 -4.49 -5.28
C LEU A 4 11.07 -5.98 -5.01
N ARG A 5 10.69 -6.38 -3.80
CA ARG A 5 10.78 -7.76 -3.37
C ARG A 5 9.41 -8.41 -3.28
N GLY A 6 8.51 -7.98 -4.16
CA GLY A 6 7.18 -8.56 -4.22
C GLY A 6 6.23 -7.95 -3.19
N ASP A 7 6.63 -8.03 -1.92
CA ASP A 7 5.79 -7.56 -0.81
C ASP A 7 5.50 -6.07 -0.91
N GLU A 8 6.28 -5.36 -1.74
CA GLU A 8 6.05 -3.94 -1.98
C GLU A 8 4.65 -3.72 -2.56
N ARG A 9 4.15 -4.71 -3.29
CA ARG A 9 2.80 -4.64 -3.83
C ARG A 9 1.77 -4.64 -2.72
N ILE A 10 1.99 -5.47 -1.71
CA ILE A 10 1.11 -5.51 -0.55
C ILE A 10 1.19 -4.18 0.19
N LEU A 11 2.41 -3.68 0.35
CA LEU A 11 2.64 -2.42 1.05
C LEU A 11 1.93 -1.27 0.34
N SER A 12 2.03 -1.23 -0.98
CA SER A 12 1.44 -0.16 -1.76
C SER A 12 -0.07 -0.28 -1.81
N ILE A 13 -0.58 -1.50 -1.88
CA ILE A 13 -2.02 -1.72 -1.82
C ILE A 13 -2.56 -1.32 -0.47
N LEU A 14 -1.81 -1.64 0.58
CA LEU A 14 -2.16 -1.22 1.93
C LEU A 14 -2.14 0.31 2.02
N ARG A 15 -1.22 0.93 1.29
CA ARG A 15 -1.18 2.38 1.21
C ARG A 15 -2.43 2.90 0.51
N HIS A 16 -2.90 2.16 -0.48
CA HIS A 16 -4.12 2.53 -1.21
C HIS A 16 -5.33 2.45 -0.28
N GLN A 17 -5.23 1.58 0.73
CA GLN A 17 -6.27 1.48 1.74
C GLN A 17 -6.23 2.68 2.66
N ASN A 18 -5.03 3.24 2.88
CA ASN A 18 -4.87 4.45 3.67
C ASN A 18 -5.51 5.63 2.96
N LEU A 19 -5.44 5.62 1.64
CA LEU A 19 -6.08 6.67 0.83
C LEU A 19 -7.58 6.44 0.72
N LEU A 20 -8.03 5.26 1.13
CA LEU A 20 -9.44 4.92 1.09
C LEU A 20 -10.08 5.27 2.43
N LYS A 21 -9.24 5.48 3.44
CA LYS A 21 -9.70 5.77 4.79
C LYS A 21 -9.88 7.27 4.97
N GLU A 22 -11.12 7.71 4.94
CA GLU A 22 -11.44 9.12 5.12
C GLU A 22 -11.27 9.54 6.57
N LEU A 23 -11.68 8.65 7.49
CA LEU A 23 -11.56 8.93 8.91
C LEU A 23 -10.09 8.84 9.34
N GLN A 24 -9.51 9.98 9.65
CA GLN A 24 -8.12 10.04 10.06
C GLN A 24 -8.01 10.76 11.39
N ASP A 25 -6.83 10.77 11.97
CA ASP A 25 -6.61 11.42 13.25
C ASP A 25 -5.56 12.52 13.11
#